data_6AP7
#
_entry.id   6AP7
#
_cell.length_a   36.697
_cell.length_b   48.315
_cell.length_c   71.942
_cell.angle_alpha   82.670
_cell.angle_beta   86.760
_cell.angle_gamma   69.950
#
_symmetry.space_group_name_H-M   'P 1'
#
loop_
_entity.id
_entity.type
_entity.pdbx_description
1 polymer 'Probable strigolactone esterase DAD2'
2 non-polymer '2-[(2-methyl-3-nitrophenyl)amino]benzoic acid'
3 non-polymer GLYCEROL
4 water water
#
_entity_poly.entity_id   1
_entity_poly.type   'polypeptide(L)'
_entity_poly.pdbx_seq_one_letter_code
;GGMGQTLLDALNVRVVGSGERVLVLAHGFGTDQSAWNRILPFFLRDYRVVLYDLVCAGSVNPDFFDFRRYTTLDPYVDDL
LHILDALGIDQCAYVGHSVSAMIGILASIRRPELFSKLILIGASPRFLNDEDYHGGFEQGEIEKVFSAMEANYEAWVNGF
APLAVGADVPAAVREFSRTLFNMRPDITLFVSRTVFNSDMRGVLGLVKVPCHIFQTARDHSVPASVATYLKNHLGGKNTV
HWLNIEGHLPHLSAPTLLAQELRRALSHR
;
_entity_poly.pdbx_strand_id   A,B
#
loop_
_chem_comp.id
_chem_comp.type
_chem_comp.name
_chem_comp.formula
BNY non-polymer '2-[(2-methyl-3-nitrophenyl)amino]benzoic acid' 'C14 H12 N2 O4'
GOL non-polymer GLYCEROL 'C3 H8 O3'
#
# COMPACT_ATOMS: atom_id res chain seq x y z
N GLN A 5 7.06 14.74 9.68
CA GLN A 5 7.27 14.03 8.36
C GLN A 5 6.78 12.58 8.36
N THR A 6 6.79 11.88 9.50
CA THR A 6 6.44 10.46 9.45
C THR A 6 4.95 10.30 9.15
N LEU A 7 4.06 11.09 9.73
CA LEU A 7 2.67 11.02 9.26
C LEU A 7 2.57 11.55 7.83
N LEU A 8 3.26 12.63 7.56
CA LEU A 8 3.22 13.25 6.25
C LEU A 8 3.70 12.19 5.22
N ASP A 9 4.69 11.38 5.58
CA ASP A 9 5.19 10.32 4.67
C ASP A 9 4.18 9.19 4.55
N ALA A 10 3.69 8.73 5.70
CA ALA A 10 2.77 7.62 5.77
C ALA A 10 1.56 7.82 4.94
N LEU A 11 1.05 9.06 4.93
CA LEU A 11 -0.20 9.40 4.21
C LEU A 11 0.10 10.10 2.91
N ASN A 12 1.32 9.99 2.41
CA ASN A 12 1.65 10.43 1.06
C ASN A 12 1.27 11.87 0.80
N VAL A 13 1.54 12.72 1.78
CA VAL A 13 1.24 14.12 1.65
C VAL A 13 2.03 14.73 0.51
N ARG A 14 1.36 15.53 -0.31
CA ARG A 14 1.96 16.14 -1.44
C ARG A 14 1.52 17.60 -1.50
N VAL A 15 2.46 18.48 -1.71
CA VAL A 15 2.11 19.88 -1.92
C VAL A 15 2.64 20.30 -3.28
N VAL A 16 1.74 20.78 -4.13
CA VAL A 16 2.08 21.09 -5.53
C VAL A 16 1.43 22.40 -5.95
N GLY A 17 1.87 22.95 -7.08
CA GLY A 17 1.31 24.22 -7.57
C GLY A 17 2.11 25.47 -7.27
N SER A 18 1.91 26.47 -8.13
CA SER A 18 2.73 27.67 -8.16
C SER A 18 2.09 28.87 -7.48
N GLY A 19 0.85 28.70 -7.00
CA GLY A 19 0.11 29.76 -6.36
C GLY A 19 0.40 29.94 -4.88
N GLU A 20 -0.22 30.94 -4.28
CA GLU A 20 -0.11 31.21 -2.80
C GLU A 20 -1.40 30.91 -2.00
N ARG A 21 -2.55 30.94 -2.66
CA ARG A 21 -3.82 30.58 -2.01
C ARG A 21 -3.73 29.09 -1.73
N VAL A 22 -3.92 28.63 -0.48
CA VAL A 22 -3.88 27.18 -0.17
C VAL A 22 -5.23 26.52 -0.43
N LEU A 23 -5.20 25.38 -1.14
CA LEU A 23 -6.38 24.61 -1.46
C LEU A 23 -6.09 23.18 -1.07
N VAL A 24 -6.89 22.61 -0.19
CA VAL A 24 -6.75 21.20 0.26
C VAL A 24 -7.74 20.37 -0.49
N LEU A 25 -7.28 19.30 -1.19
CA LEU A 25 -8.16 18.40 -1.91
C LEU A 25 -8.14 17.07 -1.20
N ALA A 26 -9.27 16.66 -0.63
CA ALA A 26 -9.32 15.54 0.34
C ALA A 26 -10.27 14.50 -0.22
N HIS A 27 -9.68 13.41 -0.77
CA HIS A 27 -10.44 12.36 -1.42
C HIS A 27 -11.33 11.62 -0.45
N GLY A 28 -12.33 10.90 -0.99
CA GLY A 28 -13.21 10.12 -0.12
C GLY A 28 -13.11 8.61 -0.30
N PHE A 29 -14.24 7.95 -0.06
CA PHE A 29 -14.31 6.50 0.05
C PHE A 29 -13.96 5.84 -1.25
N GLY A 30 -13.07 4.84 -1.15
CA GLY A 30 -12.76 4.02 -2.33
C GLY A 30 -11.76 4.53 -3.32
N THR A 31 -11.15 5.69 -3.06
CA THR A 31 -10.20 6.33 -3.90
C THR A 31 -8.97 6.66 -3.05
N ASP A 32 -8.01 7.30 -3.71
CA ASP A 32 -6.90 7.94 -3.04
C ASP A 32 -6.77 9.35 -3.61
N GLN A 33 -5.68 10.04 -3.36
CA GLN A 33 -5.52 11.36 -3.86
C GLN A 33 -5.47 11.43 -5.40
N SER A 34 -5.19 10.29 -6.07
CA SER A 34 -5.15 10.32 -7.53
C SER A 34 -6.51 10.58 -8.14
N ALA A 35 -7.58 10.45 -7.37
CA ALA A 35 -8.91 10.85 -7.87
C ALA A 35 -8.95 12.32 -8.27
N TRP A 36 -8.04 13.14 -7.79
CA TRP A 36 -7.98 14.54 -8.16
C TRP A 36 -7.12 14.84 -9.39
N ASN A 37 -6.53 13.81 -10.02
CA ASN A 37 -5.58 14.04 -11.05
C ASN A 37 -6.10 14.90 -12.21
N ARG A 38 -7.33 14.67 -12.63
N ARG A 38 -7.34 14.66 -12.64
CA ARG A 38 -7.86 15.42 -13.78
CA ARG A 38 -7.87 15.41 -13.78
C ARG A 38 -8.38 16.80 -13.40
C ARG A 38 -8.39 16.80 -13.40
N ILE A 39 -8.58 17.04 -12.12
CA ILE A 39 -8.98 18.38 -11.58
C ILE A 39 -7.78 19.26 -11.43
N LEU A 40 -6.66 18.65 -10.99
CA LEU A 40 -5.46 19.40 -10.70
C LEU A 40 -4.98 20.43 -11.76
N PRO A 41 -4.98 20.08 -13.09
CA PRO A 41 -4.46 21.03 -14.06
C PRO A 41 -5.18 22.36 -14.01
N PHE A 42 -6.46 22.32 -13.61
CA PHE A 42 -7.23 23.58 -13.50
C PHE A 42 -6.84 24.48 -12.28
N PHE A 43 -5.99 23.99 -11.37
CA PHE A 43 -5.66 24.71 -10.11
C PHE A 43 -4.17 24.90 -9.83
N LEU A 44 -3.31 24.18 -10.55
CA LEU A 44 -1.88 24.19 -10.26
C LEU A 44 -1.25 25.54 -10.53
N ARG A 45 -1.81 26.28 -11.47
CA ARG A 45 -1.20 27.53 -11.92
C ARG A 45 -1.43 28.67 -10.89
N ASP A 46 -2.57 28.67 -10.18
CA ASP A 46 -2.89 29.77 -9.24
C ASP A 46 -3.32 29.36 -7.80
N TYR A 47 -3.12 28.08 -7.44
CA TYR A 47 -3.27 27.66 -6.04
C TYR A 47 -2.05 26.86 -5.58
N ARG A 48 -1.88 26.79 -4.27
CA ARG A 48 -0.90 25.92 -3.66
C ARG A 48 -1.77 24.76 -3.17
N VAL A 49 -1.67 23.62 -3.85
CA VAL A 49 -2.59 22.48 -3.61
C VAL A 49 -1.98 21.45 -2.67
N VAL A 50 -2.71 21.11 -1.59
CA VAL A 50 -2.29 20.12 -0.64
C VAL A 50 -3.14 18.90 -0.87
N LEU A 51 -2.50 17.73 -1.04
CA LEU A 51 -3.15 16.45 -1.19
C LEU A 51 -2.64 15.47 -0.17
N TYR A 52 -3.47 14.53 0.23
CA TYR A 52 -3.02 13.43 1.09
C TYR A 52 -3.95 12.26 0.87
N ASP A 53 -3.53 11.13 1.38
CA ASP A 53 -4.33 9.91 1.36
C ASP A 53 -4.85 9.64 2.79
N LEU A 54 -6.14 9.38 2.91
CA LEU A 54 -6.71 8.91 4.17
C LEU A 54 -6.03 7.59 4.48
N VAL A 55 -5.93 7.30 5.76
CA VAL A 55 -5.23 6.09 6.21
C VAL A 55 -5.79 4.79 5.59
N CYS A 56 -7.07 4.76 5.23
CA CYS A 56 -7.72 3.61 4.65
C CYS A 56 -7.45 3.42 3.15
N ALA A 57 -6.89 4.44 2.48
CA ALA A 57 -6.62 4.39 1.03
C ALA A 57 -5.76 3.17 0.73
N GLY A 58 -6.07 2.60 -0.45
CA GLY A 58 -5.28 1.48 -1.02
C GLY A 58 -3.81 1.78 -1.24
N SER A 59 -3.46 3.04 -1.32
CA SER A 59 -2.12 3.51 -1.60
C SER A 59 -1.27 3.68 -0.37
N VAL A 60 -1.87 3.55 0.82
CA VAL A 60 -1.20 3.64 2.10
C VAL A 60 -0.86 2.23 2.62
N ASN A 61 0.27 2.13 3.29
CA ASN A 61 0.67 0.85 3.94
C ASN A 61 -0.44 0.43 4.92
N PRO A 62 -1.10 -0.72 4.67
CA PRO A 62 -2.21 -1.12 5.56
C PRO A 62 -1.77 -1.35 7.01
N ASP A 63 -0.48 -1.48 7.29
CA ASP A 63 0.02 -1.48 8.67
C ASP A 63 -0.41 -0.25 9.47
N PHE A 64 -0.63 0.89 8.79
CA PHE A 64 -0.97 2.11 9.51
C PHE A 64 -2.42 2.12 9.85
N PHE A 65 -3.21 1.23 9.26
CA PHE A 65 -4.64 1.19 9.58
C PHE A 65 -4.89 0.42 10.86
N ASP A 66 -4.90 1.16 11.96
CA ASP A 66 -5.01 0.58 13.30
C ASP A 66 -6.50 0.50 13.67
N PHE A 67 -7.05 -0.70 13.71
CA PHE A 67 -8.44 -0.97 13.98
C PHE A 67 -8.84 -0.57 15.41
N ARG A 68 -7.87 -0.47 16.33
CA ARG A 68 -8.14 -0.04 17.67
C ARG A 68 -8.28 1.46 17.75
N ARG A 69 -7.72 2.20 16.79
CA ARG A 69 -7.75 3.67 16.78
C ARG A 69 -8.85 4.22 15.92
N TYR A 70 -8.91 3.81 14.64
CA TYR A 70 -9.79 4.41 13.66
C TYR A 70 -11.21 3.85 13.79
N THR A 71 -11.87 4.09 14.96
CA THR A 71 -13.18 3.50 15.22
C THR A 71 -14.35 4.49 14.95
N THR A 72 -14.01 5.76 14.81
CA THR A 72 -14.95 6.84 14.48
C THR A 72 -14.25 7.83 13.53
N LEU A 73 -14.96 8.93 13.15
CA LEU A 73 -14.27 9.92 12.32
C LEU A 73 -13.21 10.72 13.05
N ASP A 74 -13.29 10.79 14.38
CA ASP A 74 -12.44 11.72 15.09
C ASP A 74 -10.93 11.51 14.87
N PRO A 75 -10.44 10.25 14.93
CA PRO A 75 -9.00 10.06 14.61
C PRO A 75 -8.61 10.48 13.15
N TYR A 76 -9.55 10.38 12.20
CA TYR A 76 -9.26 10.88 10.85
C TYR A 76 -9.16 12.43 10.86
N VAL A 77 -9.95 13.09 11.71
CA VAL A 77 -9.81 14.53 11.85
C VAL A 77 -8.42 14.85 12.45
N ASP A 78 -8.02 14.09 13.46
CA ASP A 78 -6.68 14.27 14.04
C ASP A 78 -5.59 14.23 12.98
N ASP A 79 -5.66 13.26 12.09
CA ASP A 79 -4.67 13.13 11.03
C ASP A 79 -4.67 14.37 10.08
N LEU A 80 -5.85 14.81 9.67
CA LEU A 80 -5.94 16.02 8.82
C LEU A 80 -5.36 17.25 9.48
N LEU A 81 -5.74 17.48 10.76
CA LEU A 81 -5.25 18.64 11.47
C LEU A 81 -3.75 18.61 11.68
N HIS A 82 -3.25 17.41 11.99
CA HIS A 82 -1.81 17.26 12.16
C HIS A 82 -1.09 17.65 10.88
N ILE A 83 -1.62 17.20 9.74
CA ILE A 83 -1.01 17.50 8.46
C ILE A 83 -1.00 19.00 8.16
N LEU A 84 -2.14 19.65 8.35
CA LEU A 84 -2.23 21.08 8.11
C LEU A 84 -1.30 21.88 9.08
N ASP A 85 -1.28 21.43 10.32
CA ASP A 85 -0.45 22.09 11.34
C ASP A 85 1.03 21.89 11.02
N ALA A 86 1.39 20.68 10.59
CA ALA A 86 2.79 20.37 10.26
C ALA A 86 3.29 21.19 9.08
N LEU A 87 2.36 21.47 8.15
CA LEU A 87 2.70 22.21 6.95
C LEU A 87 2.66 23.70 7.16
N GLY A 88 2.25 24.15 8.34
CA GLY A 88 2.21 25.59 8.63
C GLY A 88 1.10 26.34 7.94
N ILE A 89 0.02 25.65 7.70
CA ILE A 89 -1.12 26.24 7.03
C ILE A 89 -1.95 26.78 8.18
N ASP A 90 -2.11 28.07 8.21
CA ASP A 90 -3.03 28.65 9.20
C ASP A 90 -4.39 29.03 8.60
N GLN A 91 -4.51 29.14 7.27
CA GLN A 91 -5.84 29.20 6.62
C GLN A 91 -5.87 28.60 5.17
N CYS A 92 -6.96 27.91 4.85
CA CYS A 92 -7.13 27.27 3.55
C CYS A 92 -8.58 27.15 3.16
N ALA A 93 -8.79 26.93 1.87
CA ALA A 93 -10.06 26.45 1.38
C ALA A 93 -9.95 24.90 1.29
N TYR A 94 -11.02 24.18 1.59
CA TYR A 94 -10.93 22.73 1.77
C TYR A 94 -12.01 22.10 0.97
N VAL A 95 -11.63 21.15 0.13
CA VAL A 95 -12.61 20.40 -0.68
C VAL A 95 -12.62 18.94 -0.18
N GLY A 96 -13.78 18.43 0.26
CA GLY A 96 -13.86 17.08 0.76
C GLY A 96 -14.91 16.29 0.06
N HIS A 97 -14.48 15.18 -0.57
CA HIS A 97 -15.40 14.27 -1.20
C HIS A 97 -15.85 13.25 -0.17
N SER A 98 -17.11 12.83 -0.25
CA SER A 98 -17.58 11.69 0.48
C SER A 98 -17.23 11.90 1.96
N VAL A 99 -16.69 10.88 2.59
CA VAL A 99 -16.39 10.95 4.01
C VAL A 99 -15.46 12.13 4.38
N SER A 100 -14.63 12.59 3.45
CA SER A 100 -13.81 13.74 3.72
C SER A 100 -14.64 15.04 3.93
N ALA A 101 -15.83 15.06 3.42
CA ALA A 101 -16.71 16.19 3.71
C ALA A 101 -17.04 16.26 5.21
N MET A 102 -17.35 15.12 5.82
CA MET A 102 -17.66 15.06 7.28
C MET A 102 -16.39 15.32 8.08
N ILE A 103 -15.27 14.77 7.63
CA ILE A 103 -13.99 15.01 8.29
C ILE A 103 -13.72 16.53 8.33
N GLY A 104 -13.98 17.23 7.20
CA GLY A 104 -13.72 18.64 7.11
C GLY A 104 -14.66 19.43 8.04
N ILE A 105 -15.94 19.02 8.08
CA ILE A 105 -16.92 19.61 9.02
C ILE A 105 -16.44 19.52 10.46
N LEU A 106 -16.05 18.33 10.89
CA LEU A 106 -15.59 18.14 12.26
C LEU A 106 -14.33 18.93 12.54
N ALA A 107 -13.38 18.94 11.59
CA ALA A 107 -12.18 19.70 11.73
C ALA A 107 -12.47 21.20 11.91
N SER A 108 -13.46 21.67 11.17
N SER A 108 -13.46 21.66 11.18
CA SER A 108 -13.80 23.08 11.22
CA SER A 108 -13.80 23.07 11.21
C SER A 108 -14.42 23.49 12.57
C SER A 108 -14.43 23.49 12.56
N ILE A 109 -15.14 22.57 13.21
CA ILE A 109 -15.68 22.83 14.56
C ILE A 109 -14.53 22.92 15.58
N ARG A 110 -13.55 22.01 15.45
CA ARG A 110 -12.33 22.06 16.26
C ARG A 110 -11.45 23.28 16.04
N ARG A 111 -11.32 23.69 14.78
CA ARG A 111 -10.47 24.77 14.39
C ARG A 111 -11.23 25.71 13.44
N PRO A 112 -12.15 26.52 14.01
CA PRO A 112 -12.96 27.49 13.23
C PRO A 112 -12.19 28.45 12.34
N GLU A 113 -10.94 28.75 12.70
CA GLU A 113 -10.09 29.71 11.98
C GLU A 113 -9.29 29.15 10.79
N LEU A 114 -9.23 27.83 10.72
CA LEU A 114 -8.37 27.19 9.75
C LEU A 114 -8.93 27.19 8.33
N PHE A 115 -10.26 27.19 8.23
CA PHE A 115 -10.94 27.08 6.95
C PHE A 115 -11.68 28.37 6.55
N SER A 116 -11.37 28.90 5.38
CA SER A 116 -12.09 30.06 4.86
C SER A 116 -13.42 29.61 4.28
N LYS A 117 -13.41 28.40 3.74
CA LYS A 117 -14.59 27.88 3.05
C LYS A 117 -14.45 26.36 3.07
N LEU A 118 -15.55 25.62 3.14
CA LEU A 118 -15.57 24.20 2.85
C LEU A 118 -16.39 23.93 1.61
N ILE A 119 -15.83 23.16 0.70
CA ILE A 119 -16.59 22.65 -0.45
C ILE A 119 -16.81 21.17 -0.22
N LEU A 120 -18.08 20.77 -0.24
CA LEU A 120 -18.50 19.41 0.12
C LEU A 120 -19.00 18.77 -1.15
N ILE A 121 -18.45 17.58 -1.47
CA ILE A 121 -18.86 16.88 -2.70
C ILE A 121 -19.35 15.48 -2.36
N GLY A 122 -20.59 15.12 -2.75
CA GLY A 122 -21.08 13.78 -2.36
C GLY A 122 -21.19 13.58 -0.86
N ALA A 123 -21.55 14.65 -0.17
CA ALA A 123 -21.61 14.61 1.32
C ALA A 123 -22.98 14.20 1.90
N SER A 124 -22.90 13.47 3.01
CA SER A 124 -24.06 13.13 3.84
C SER A 124 -23.66 13.09 5.30
N PRO A 125 -24.55 13.57 6.19
CA PRO A 125 -24.25 13.46 7.58
C PRO A 125 -24.70 12.13 8.14
N ARG A 126 -25.49 11.37 7.38
CA ARG A 126 -26.08 10.15 7.88
C ARG A 126 -26.62 9.36 6.72
N PHE A 127 -26.11 8.15 6.50
CA PHE A 127 -26.61 7.30 5.43
C PHE A 127 -27.92 6.60 5.79
N LEU A 128 -28.05 6.22 7.05
CA LEU A 128 -29.24 5.51 7.47
C LEU A 128 -30.49 6.39 7.60
N ASN A 129 -31.62 5.81 7.23
CA ASN A 129 -32.93 6.42 7.49
C ASN A 129 -33.20 6.59 8.97
N ASP A 130 -34.00 7.60 9.28
CA ASP A 130 -34.45 7.86 10.64
C ASP A 130 -35.83 8.51 10.49
N GLU A 131 -36.44 8.93 11.58
CA GLU A 131 -37.80 9.49 11.53
C GLU A 131 -38.02 10.60 10.52
N ASP A 132 -37.53 11.79 10.83
CA ASP A 132 -37.80 12.93 9.97
C ASP A 132 -36.89 12.86 8.74
N TYR A 133 -36.15 11.76 8.53
CA TYR A 133 -34.89 11.83 7.78
C TYR A 133 -34.63 10.69 6.78
N HIS A 134 -34.49 11.04 5.51
CA HIS A 134 -34.15 10.09 4.49
C HIS A 134 -32.66 10.18 4.21
N GLY A 135 -31.94 9.16 4.65
CA GLY A 135 -30.51 9.05 4.32
C GLY A 135 -30.29 8.27 3.06
N GLY A 136 -31.23 7.38 2.71
CA GLY A 136 -31.13 6.57 1.53
C GLY A 136 -31.02 5.10 1.82
N PHE A 137 -30.71 4.71 3.06
CA PHE A 137 -30.44 3.30 3.34
C PHE A 137 -31.14 2.80 4.59
N GLU A 138 -31.56 1.53 4.54
CA GLU A 138 -32.19 0.85 5.66
C GLU A 138 -31.17 -0.06 6.30
N GLN A 139 -31.19 -0.13 7.63
CA GLN A 139 -30.29 -1.02 8.39
C GLN A 139 -30.20 -2.44 7.82
N GLY A 140 -31.38 -3.03 7.53
CA GLY A 140 -31.47 -4.38 6.93
C GLY A 140 -30.79 -4.58 5.58
N GLU A 141 -31.10 -3.70 4.63
CA GLU A 141 -30.48 -3.78 3.30
C GLU A 141 -28.94 -3.66 3.41
N ILE A 142 -28.48 -2.82 4.35
CA ILE A 142 -27.08 -2.58 4.55
C ILE A 142 -26.35 -3.77 5.17
N GLU A 143 -26.95 -4.52 6.08
CA GLU A 143 -26.29 -5.78 6.51
C GLU A 143 -26.08 -6.76 5.34
N LYS A 144 -27.04 -6.82 4.42
CA LYS A 144 -26.89 -7.68 3.24
C LYS A 144 -25.70 -7.24 2.39
N VAL A 145 -25.48 -5.95 2.29
CA VAL A 145 -24.34 -5.47 1.55
C VAL A 145 -23.03 -5.81 2.27
N PHE A 146 -22.99 -5.62 3.60
CA PHE A 146 -21.78 -5.96 4.36
C PHE A 146 -21.42 -7.47 4.23
N SER A 147 -22.44 -8.30 4.18
CA SER A 147 -22.23 -9.74 4.00
C SER A 147 -21.61 -10.03 2.64
N ALA A 148 -22.12 -9.40 1.58
CA ALA A 148 -21.56 -9.56 0.23
C ALA A 148 -20.13 -9.05 0.17
N MET A 149 -19.86 -7.93 0.84
CA MET A 149 -18.52 -7.34 0.84
C MET A 149 -17.54 -8.30 1.49
N GLU A 150 -17.96 -8.88 2.60
CA GLU A 150 -17.14 -9.93 3.26
C GLU A 150 -17.04 -11.22 2.43
N ALA A 151 -18.16 -11.66 1.89
CA ALA A 151 -18.21 -12.94 1.18
C ALA A 151 -17.42 -12.97 -0.12
N ASN A 152 -17.45 -11.88 -0.88
CA ASN A 152 -16.80 -11.84 -2.16
C ASN A 152 -16.49 -10.40 -2.51
N TYR A 153 -15.33 -9.95 -2.05
CA TYR A 153 -14.98 -8.55 -2.10
C TYR A 153 -14.86 -8.04 -3.54
N GLU A 154 -14.11 -8.79 -4.37
CA GLU A 154 -13.92 -8.44 -5.77
C GLU A 154 -15.24 -8.31 -6.49
N ALA A 155 -16.15 -9.25 -6.23
CA ALA A 155 -17.46 -9.15 -6.86
C ALA A 155 -18.23 -7.94 -6.40
N TRP A 156 -18.19 -7.65 -5.08
CA TRP A 156 -18.87 -6.51 -4.52
C TRP A 156 -18.39 -5.25 -5.23
N VAL A 157 -17.07 -5.13 -5.40
CA VAL A 157 -16.50 -3.98 -6.08
C VAL A 157 -17.10 -3.85 -7.46
N ASN A 158 -17.13 -4.94 -8.22
CA ASN A 158 -17.61 -4.91 -9.60
C ASN A 158 -19.10 -4.57 -9.72
N GLY A 159 -19.88 -4.89 -8.70
CA GLY A 159 -21.31 -4.50 -8.66
C GLY A 159 -21.54 -3.09 -8.12
N PHE A 160 -20.67 -2.62 -7.24
CA PHE A 160 -20.84 -1.36 -6.58
C PHE A 160 -20.35 -0.21 -7.43
N ALA A 161 -19.22 -0.39 -8.07
CA ALA A 161 -18.58 0.72 -8.78
C ALA A 161 -19.52 1.35 -9.85
N PRO A 162 -20.24 0.54 -10.65
CA PRO A 162 -21.19 1.18 -11.61
C PRO A 162 -22.31 1.99 -10.93
N LEU A 163 -22.75 1.54 -9.75
CA LEU A 163 -23.78 2.28 -9.01
C LEU A 163 -23.24 3.58 -8.47
N ALA A 164 -22.03 3.54 -7.92
CA ALA A 164 -21.39 4.72 -7.39
C ALA A 164 -21.07 5.78 -8.46
N VAL A 165 -20.47 5.31 -9.56
CA VAL A 165 -20.17 6.22 -10.65
C VAL A 165 -21.46 6.71 -11.29
N GLY A 166 -22.43 5.81 -11.43
CA GLY A 166 -23.83 6.21 -11.74
C GLY A 166 -24.10 6.39 -13.23
N ALA A 167 -23.51 7.45 -13.78
CA ALA A 167 -23.52 7.64 -15.24
C ALA A 167 -22.73 6.49 -15.93
N ASP A 168 -23.13 6.19 -17.15
CA ASP A 168 -22.44 5.24 -17.99
C ASP A 168 -21.15 5.86 -18.56
N VAL A 169 -20.12 5.79 -17.74
CA VAL A 169 -18.79 6.31 -18.01
C VAL A 169 -17.84 5.14 -17.60
N PRO A 170 -17.68 4.17 -18.48
CA PRO A 170 -16.91 2.97 -18.19
C PRO A 170 -15.50 3.25 -17.66
N ALA A 171 -14.84 4.31 -18.18
CA ALA A 171 -13.48 4.66 -17.72
C ALA A 171 -13.49 5.01 -16.26
N ALA A 172 -14.50 5.79 -15.81
CA ALA A 172 -14.61 6.12 -14.44
C ALA A 172 -15.01 4.85 -13.57
N VAL A 173 -15.88 4.00 -14.08
CA VAL A 173 -16.18 2.72 -13.39
C VAL A 173 -14.89 1.91 -13.18
N ARG A 174 -14.04 1.77 -14.22
CA ARG A 174 -12.82 0.99 -14.09
C ARG A 174 -11.84 1.66 -13.16
N GLU A 175 -11.77 2.97 -13.24
CA GLU A 175 -10.87 3.70 -12.32
C GLU A 175 -11.25 3.59 -10.82
N PHE A 176 -12.53 3.74 -10.51
CA PHE A 176 -12.97 3.57 -9.14
C PHE A 176 -12.79 2.16 -8.68
N SER A 177 -13.04 1.21 -9.57
CA SER A 177 -12.89 -0.21 -9.22
C SER A 177 -11.43 -0.45 -8.91
N ARG A 178 -10.55 0.16 -9.71
CA ARG A 178 -9.11 -0.05 -9.50
C ARG A 178 -8.72 0.33 -8.06
N THR A 179 -9.14 1.50 -7.58
CA THR A 179 -8.74 1.97 -6.26
C THR A 179 -9.51 1.31 -5.11
N LEU A 180 -10.75 0.86 -5.37
CA LEU A 180 -11.43 0.02 -4.40
C LEU A 180 -10.73 -1.30 -4.24
N PHE A 181 -10.27 -1.88 -5.36
CA PHE A 181 -9.66 -3.19 -5.28
C PHE A 181 -8.28 -3.13 -4.65
N ASN A 182 -7.70 -1.94 -4.65
CA ASN A 182 -6.39 -1.73 -3.97
C ASN A 182 -6.57 -1.71 -2.42
N MET A 183 -7.77 -1.43 -1.91
CA MET A 183 -8.01 -1.41 -0.48
C MET A 183 -8.10 -2.80 0.07
N ARG A 184 -7.53 -3.04 1.25
CA ARG A 184 -7.57 -4.36 1.82
C ARG A 184 -9.02 -4.64 2.23
N PRO A 185 -9.60 -5.78 1.85
CA PRO A 185 -11.07 -6.00 2.06
C PRO A 185 -11.62 -5.77 3.47
N ASP A 186 -10.90 -6.18 4.49
CA ASP A 186 -11.39 -5.96 5.86
C ASP A 186 -11.30 -4.48 6.26
N ILE A 187 -10.40 -3.69 5.68
CA ILE A 187 -10.36 -2.26 5.90
C ILE A 187 -11.59 -1.63 5.26
N THR A 188 -11.88 -1.99 4.02
CA THR A 188 -13.01 -1.41 3.34
C THR A 188 -14.30 -1.65 4.14
N LEU A 189 -14.49 -2.90 4.57
CA LEU A 189 -15.68 -3.24 5.39
C LEU A 189 -15.71 -2.46 6.67
N PHE A 190 -14.58 -2.40 7.38
CA PHE A 190 -14.56 -1.71 8.70
C PHE A 190 -14.87 -0.22 8.51
N VAL A 191 -14.34 0.41 7.46
CA VAL A 191 -14.56 1.84 7.16
C VAL A 191 -16.04 2.03 6.83
N SER A 192 -16.60 1.11 6.06
CA SER A 192 -17.97 1.23 5.66
C SER A 192 -18.84 1.13 6.90
N ARG A 193 -18.56 0.16 7.78
CA ARG A 193 -19.33 0.05 9.06
C ARG A 193 -19.18 1.35 9.88
N THR A 194 -17.97 1.85 10.01
CA THR A 194 -17.66 3.09 10.75
C THR A 194 -18.57 4.22 10.29
N VAL A 195 -18.69 4.39 8.99
CA VAL A 195 -19.41 5.54 8.46
C VAL A 195 -20.92 5.30 8.45
N PHE A 196 -21.40 4.10 8.16
CA PHE A 196 -22.84 3.80 8.29
C PHE A 196 -23.27 3.95 9.76
N ASN A 197 -22.38 3.71 10.69
CA ASN A 197 -22.68 3.96 12.13
C ASN A 197 -22.59 5.44 12.56
N SER A 198 -22.06 6.31 11.73
N SER A 198 -22.06 6.32 11.75
CA SER A 198 -21.82 7.73 12.00
CA SER A 198 -21.86 7.70 12.15
C SER A 198 -23.09 8.53 11.83
C SER A 198 -23.08 8.53 11.85
N ASP A 199 -23.29 9.56 12.66
CA ASP A 199 -24.44 10.47 12.50
C ASP A 199 -23.94 11.83 12.92
N MET A 200 -23.75 12.70 11.94
CA MET A 200 -23.22 14.04 12.14
C MET A 200 -24.33 15.07 12.20
N ARG A 201 -25.59 14.64 12.19
CA ARG A 201 -26.68 15.65 12.18
C ARG A 201 -26.65 16.57 13.38
N GLY A 202 -26.29 16.04 14.53
CA GLY A 202 -26.26 16.83 15.75
C GLY A 202 -25.21 17.91 15.86
N VAL A 203 -24.16 17.83 15.03
CA VAL A 203 -23.08 18.83 15.08
C VAL A 203 -23.11 19.86 13.94
N LEU A 204 -23.98 19.68 12.97
CA LEU A 204 -23.94 20.56 11.78
C LEU A 204 -24.14 22.06 12.19
N GLY A 205 -25.01 22.31 13.16
CA GLY A 205 -25.28 23.67 13.55
C GLY A 205 -24.05 24.37 14.17
N LEU A 206 -23.06 23.57 14.60
CA LEU A 206 -21.84 24.09 15.18
C LEU A 206 -20.89 24.67 14.20
N VAL A 207 -21.04 24.32 12.93
CA VAL A 207 -20.15 24.82 11.88
C VAL A 207 -20.45 26.29 11.66
N LYS A 208 -19.43 27.11 11.55
CA LYS A 208 -19.66 28.52 11.22
C LYS A 208 -18.99 29.03 9.95
N VAL A 209 -18.17 28.22 9.32
CA VAL A 209 -17.59 28.67 8.04
C VAL A 209 -18.59 28.41 6.89
N PRO A 210 -18.49 29.21 5.82
CA PRO A 210 -19.40 29.00 4.71
C PRO A 210 -19.12 27.63 4.05
N CYS A 211 -20.20 26.94 3.66
CA CYS A 211 -20.13 25.67 2.98
C CYS A 211 -20.81 25.77 1.61
N HIS A 212 -20.12 25.27 0.61
CA HIS A 212 -20.71 25.04 -0.70
C HIS A 212 -20.95 23.55 -0.83
N ILE A 213 -22.21 23.18 -1.03
CA ILE A 213 -22.67 21.81 -1.10
C ILE A 213 -22.86 21.45 -2.60
N PHE A 214 -21.95 20.64 -3.14
CA PHE A 214 -22.02 20.17 -4.50
C PHE A 214 -22.78 18.88 -4.55
N GLN A 215 -23.91 18.90 -5.25
CA GLN A 215 -24.84 17.79 -5.26
C GLN A 215 -25.10 17.38 -6.70
N THR A 216 -24.75 16.13 -7.05
CA THR A 216 -25.01 15.60 -8.39
C THR A 216 -26.43 15.07 -8.45
N ALA A 217 -26.84 14.75 -9.66
CA ALA A 217 -28.05 13.97 -9.91
C ALA A 217 -27.83 12.52 -9.69
N ARG A 218 -28.84 11.87 -9.16
CA ARG A 218 -28.85 10.43 -8.99
C ARG A 218 -27.56 9.94 -8.35
N ASP A 219 -27.25 10.56 -7.22
CA ASP A 219 -26.12 10.12 -6.41
C ASP A 219 -26.57 8.94 -5.56
N HIS A 220 -26.03 7.76 -5.87
CA HIS A 220 -26.35 6.51 -5.17
C HIS A 220 -26.27 6.62 -3.64
N SER A 221 -25.27 7.36 -3.15
CA SER A 221 -25.04 7.50 -1.73
C SER A 221 -25.81 8.64 -1.05
N VAL A 222 -26.33 9.59 -1.84
CA VAL A 222 -26.82 10.87 -1.31
C VAL A 222 -28.08 11.27 -2.04
N PRO A 223 -29.23 10.99 -1.41
CA PRO A 223 -30.47 11.57 -1.93
C PRO A 223 -30.46 13.10 -2.01
N ALA A 224 -31.18 13.68 -3.00
CA ALA A 224 -31.25 15.10 -3.15
C ALA A 224 -31.63 15.79 -1.81
N SER A 225 -32.57 15.21 -1.07
CA SER A 225 -33.02 15.83 0.15
C SER A 225 -31.91 15.98 1.21
N VAL A 226 -30.87 15.17 1.14
CA VAL A 226 -29.76 15.26 2.05
C VAL A 226 -28.99 16.56 1.78
N ALA A 227 -28.82 16.92 0.50
CA ALA A 227 -28.13 18.18 0.18
C ALA A 227 -28.91 19.38 0.80
N THR A 228 -30.22 19.30 0.68
CA THR A 228 -31.12 20.30 1.25
C THR A 228 -31.01 20.30 2.77
N TYR A 229 -30.88 19.11 3.36
CA TYR A 229 -30.69 18.95 4.82
C TYR A 229 -29.42 19.69 5.26
N LEU A 230 -28.32 19.46 4.56
CA LEU A 230 -27.06 20.13 4.90
C LEU A 230 -27.18 21.64 4.79
N LYS A 231 -27.83 22.07 3.73
CA LYS A 231 -28.02 23.50 3.52
C LYS A 231 -28.79 24.11 4.69
N ASN A 232 -29.83 23.42 5.14
CA ASN A 232 -30.68 23.95 6.20
C ASN A 232 -30.05 23.83 7.61
N HIS A 233 -29.07 22.94 7.80
CA HIS A 233 -28.59 22.67 9.15
C HIS A 233 -27.17 23.06 9.46
N LEU A 234 -26.30 23.10 8.45
CA LEU A 234 -24.96 23.67 8.66
C LEU A 234 -25.10 25.13 9.17
N GLY A 235 -24.32 25.47 10.19
CA GLY A 235 -24.55 26.75 10.87
C GLY A 235 -24.10 27.98 10.16
N GLY A 236 -23.22 27.84 9.16
CA GLY A 236 -22.74 29.03 8.47
C GLY A 236 -23.55 29.32 7.21
N LYS A 237 -23.01 30.18 6.36
CA LYS A 237 -23.69 30.52 5.12
C LYS A 237 -23.51 29.40 4.10
N ASN A 238 -24.60 28.75 3.69
CA ASN A 238 -24.54 27.61 2.75
C ASN A 238 -25.15 27.91 1.39
N THR A 239 -24.54 27.26 0.43
CA THR A 239 -24.91 27.41 -0.99
C THR A 239 -24.89 26.03 -1.60
N VAL A 240 -26.01 25.59 -2.21
CA VAL A 240 -26.05 24.31 -2.94
C VAL A 240 -25.79 24.59 -4.41
N HIS A 241 -24.84 23.83 -4.96
CA HIS A 241 -24.57 23.75 -6.40
C HIS A 241 -25.17 22.45 -6.96
N TRP A 242 -26.27 22.54 -7.70
CA TRP A 242 -26.96 21.36 -8.23
C TRP A 242 -26.27 21.07 -9.59
N LEU A 243 -25.26 20.20 -9.57
CA LEU A 243 -24.37 19.98 -10.71
C LEU A 243 -25.06 19.26 -11.83
N ASN A 244 -24.76 19.67 -13.06
CA ASN A 244 -25.27 18.99 -14.22
C ASN A 244 -24.37 17.77 -14.52
N ILE A 245 -24.24 16.91 -13.52
CA ILE A 245 -23.35 15.73 -13.50
C ILE A 245 -24.12 14.65 -12.77
N GLU A 246 -24.15 13.44 -13.33
CA GLU A 246 -24.80 12.29 -12.69
C GLU A 246 -23.75 11.45 -11.94
N GLY A 247 -24.07 11.07 -10.71
CA GLY A 247 -23.26 10.09 -9.98
C GLY A 247 -22.45 10.66 -8.82
N HIS A 248 -21.97 9.76 -7.99
CA HIS A 248 -21.34 10.12 -6.73
C HIS A 248 -19.88 10.59 -6.83
N LEU A 249 -19.23 10.34 -7.98
CA LEU A 249 -17.81 10.69 -8.14
C LEU A 249 -17.55 11.62 -9.32
N PRO A 250 -18.08 12.82 -9.26
CA PRO A 250 -18.03 13.76 -10.42
C PRO A 250 -16.60 14.18 -10.81
N HIS A 251 -15.67 14.17 -9.85
CA HIS A 251 -14.28 14.42 -10.16
C HIS A 251 -13.70 13.33 -11.04
N LEU A 252 -14.20 12.12 -10.95
CA LEU A 252 -13.77 11.04 -11.86
C LEU A 252 -14.51 11.04 -13.18
N SER A 253 -15.82 11.30 -13.21
CA SER A 253 -16.62 11.12 -14.38
C SER A 253 -16.83 12.36 -15.27
N ALA A 254 -16.74 13.55 -14.66
CA ALA A 254 -16.94 14.82 -15.32
C ALA A 254 -15.97 15.87 -14.85
N PRO A 255 -14.67 15.61 -14.94
CA PRO A 255 -13.75 16.53 -14.30
C PRO A 255 -13.73 17.99 -14.80
N THR A 256 -13.89 18.19 -16.10
CA THR A 256 -13.82 19.54 -16.63
C THR A 256 -14.94 20.37 -15.99
N LEU A 257 -16.14 19.81 -16.03
CA LEU A 257 -17.31 20.54 -15.53
C LEU A 257 -17.15 20.68 -14.01
N LEU A 258 -16.73 19.62 -13.33
CA LEU A 258 -16.53 19.75 -11.91
C LEU A 258 -15.52 20.83 -11.54
N ALA A 259 -14.42 20.91 -12.25
CA ALA A 259 -13.36 21.84 -11.96
C ALA A 259 -13.85 23.27 -12.15
N GLN A 260 -14.67 23.49 -13.20
CA GLN A 260 -15.19 24.86 -13.44
C GLN A 260 -16.13 25.31 -12.31
N GLU A 261 -16.97 24.40 -11.85
CA GLU A 261 -17.85 24.66 -10.70
C GLU A 261 -17.05 24.91 -9.42
N LEU A 262 -16.01 24.11 -9.16
N LEU A 262 -16.02 24.11 -9.16
CA LEU A 262 -15.12 24.38 -8.04
CA LEU A 262 -15.14 24.33 -8.05
C LEU A 262 -14.49 25.78 -8.10
C LEU A 262 -14.46 25.74 -8.09
N ARG A 263 -13.97 26.16 -9.27
N ARG A 263 -13.97 26.15 -9.27
CA ARG A 263 -13.37 27.48 -9.42
CA ARG A 263 -13.39 27.49 -9.40
C ARG A 263 -14.39 28.60 -9.07
C ARG A 263 -14.40 28.59 -9.04
N ARG A 264 -15.63 28.42 -9.54
CA ARG A 264 -16.73 29.37 -9.26
C ARG A 264 -17.00 29.47 -7.77
N ALA A 265 -17.08 28.32 -7.11
CA ALA A 265 -17.34 28.29 -5.67
C ALA A 265 -16.19 28.92 -4.91
N LEU A 266 -14.96 28.66 -5.31
CA LEU A 266 -13.81 29.29 -4.65
C LEU A 266 -13.75 30.81 -4.80
N SER A 267 -14.24 31.33 -5.93
CA SER A 267 -14.17 32.73 -6.26
C SER A 267 -15.32 33.53 -5.69
N HIS A 268 -16.37 32.83 -5.23
CA HIS A 268 -17.56 33.43 -4.63
C HIS A 268 -17.22 34.28 -3.40
N GLN B 5 14.82 10.42 -5.49
CA GLN B 5 13.92 10.55 -4.29
C GLN B 5 12.51 9.99 -4.47
N THR B 6 11.98 10.02 -5.68
CA THR B 6 10.66 9.46 -5.92
C THR B 6 10.69 7.98 -5.65
N LEU B 7 11.66 7.26 -6.22
CA LEU B 7 11.70 5.83 -5.96
C LEU B 7 11.98 5.51 -4.49
N LEU B 8 12.87 6.27 -3.90
CA LEU B 8 13.19 6.09 -2.48
C LEU B 8 11.95 6.25 -1.59
N ASP B 9 11.08 7.19 -1.95
CA ASP B 9 9.80 7.28 -1.27
C ASP B 9 8.86 6.15 -1.55
N ALA B 10 8.72 5.80 -2.85
CA ALA B 10 7.76 4.79 -3.29
C ALA B 10 8.03 3.43 -2.65
N LEU B 11 9.31 3.09 -2.48
CA LEU B 11 9.71 1.79 -1.91
C LEU B 11 10.09 1.89 -0.44
N ASN B 12 9.73 2.99 0.19
CA ASN B 12 9.89 3.12 1.67
C ASN B 12 11.31 2.88 2.11
N VAL B 13 12.26 3.44 1.36
CA VAL B 13 13.65 3.27 1.73
C VAL B 13 13.91 3.88 3.11
N ARG B 14 14.69 3.15 3.93
CA ARG B 14 15.05 3.61 5.24
C ARG B 14 16.53 3.38 5.45
N VAL B 15 17.21 4.38 5.98
CA VAL B 15 18.64 4.17 6.34
C VAL B 15 18.75 4.46 7.81
N VAL B 16 19.30 3.50 8.56
CA VAL B 16 19.40 3.58 10.03
C VAL B 16 20.74 2.99 10.51
N GLY B 17 21.10 3.31 11.75
CA GLY B 17 22.35 2.83 12.33
C GLY B 17 23.48 3.84 12.39
N SER B 18 24.37 3.59 13.36
CA SER B 18 25.41 4.55 13.75
C SER B 18 26.75 4.19 13.20
N GLY B 19 26.82 3.05 12.50
CA GLY B 19 28.05 2.56 11.91
C GLY B 19 28.40 3.15 10.57
N GLU B 20 29.55 2.70 10.04
CA GLU B 20 30.04 3.11 8.71
C GLU B 20 30.03 1.96 7.64
N ARG B 21 30.06 0.69 8.06
CA ARG B 21 29.96 -0.47 7.15
C ARG B 21 28.52 -0.54 6.63
N VAL B 22 28.32 -0.42 5.33
CA VAL B 22 26.97 -0.39 4.75
C VAL B 22 26.45 -1.80 4.61
N LEU B 23 25.21 -2.03 5.05
CA LEU B 23 24.60 -3.35 5.05
C LEU B 23 23.21 -3.16 4.50
N VAL B 24 22.92 -3.87 3.44
CA VAL B 24 21.58 -3.83 2.77
C VAL B 24 20.81 -5.05 3.19
N LEU B 25 19.61 -4.88 3.80
CA LEU B 25 18.77 -6.01 4.18
C LEU B 25 17.58 -6.01 3.23
N ALA B 26 17.45 -7.05 2.39
CA ALA B 26 16.48 -7.11 1.32
C ALA B 26 15.53 -8.27 1.50
N HIS B 27 14.30 -7.96 1.94
CA HIS B 27 13.28 -8.98 2.20
C HIS B 27 12.85 -9.74 0.98
N GLY B 28 12.22 -10.89 1.16
CA GLY B 28 11.75 -11.72 0.07
C GLY B 28 10.25 -11.82 -0.07
N PHE B 29 9.83 -12.94 -0.61
CA PHE B 29 8.43 -13.15 -0.92
C PHE B 29 7.50 -13.16 0.27
N GLY B 30 6.41 -12.39 0.17
CA GLY B 30 5.30 -12.46 1.16
C GLY B 30 5.51 -11.60 2.37
N THR B 31 6.62 -10.82 2.42
CA THR B 31 6.95 -9.98 3.55
C THR B 31 7.22 -8.57 3.00
N ASP B 32 7.57 -7.67 3.91
CA ASP B 32 8.14 -6.41 3.59
C ASP B 32 9.39 -6.20 4.43
N GLN B 33 9.95 -5.02 4.46
CA GLN B 33 11.15 -4.78 5.23
C GLN B 33 10.97 -5.04 6.76
N SER B 34 9.74 -5.03 7.23
CA SER B 34 9.48 -5.28 8.66
C SER B 34 9.91 -6.67 9.08
N ALA B 35 10.08 -7.59 8.11
CA ALA B 35 10.57 -8.94 8.47
C ALA B 35 11.94 -8.85 9.13
N TRP B 36 12.69 -7.79 8.90
CA TRP B 36 13.98 -7.59 9.58
C TRP B 36 13.90 -6.96 10.95
N ASN B 37 12.72 -6.60 11.42
CA ASN B 37 12.64 -5.82 12.68
C ASN B 37 13.36 -6.45 13.90
N ARG B 38 13.24 -7.76 14.06
CA ARG B 38 13.89 -8.42 15.21
C ARG B 38 15.38 -8.67 15.00
N ILE B 39 15.85 -8.61 13.77
CA ILE B 39 17.28 -8.67 13.42
C ILE B 39 17.98 -7.37 13.65
N LEU B 40 17.30 -6.27 13.32
CA LEU B 40 17.93 -4.95 13.33
C LEU B 40 18.68 -4.55 14.58
N PRO B 41 18.15 -4.86 15.79
CA PRO B 41 18.85 -4.36 16.97
C PRO B 41 20.26 -4.85 17.04
N PHE B 42 20.54 -6.00 16.41
CA PHE B 42 21.88 -6.54 16.47
C PHE B 42 22.89 -5.87 15.54
N PHE B 43 22.41 -4.92 14.68
CA PHE B 43 23.27 -4.31 13.65
C PHE B 43 23.40 -2.77 13.77
N LEU B 44 22.54 -2.16 14.58
CA LEU B 44 22.39 -0.70 14.51
C LEU B 44 23.58 0.00 15.08
N ARG B 45 24.30 -0.64 16.00
CA ARG B 45 25.41 0.03 16.67
C ARG B 45 26.59 0.15 15.76
N ASP B 46 26.83 -0.87 14.95
CA ASP B 46 28.07 -0.92 14.16
C ASP B 46 27.90 -1.10 12.64
N TYR B 47 26.69 -0.97 12.10
CA TYR B 47 26.49 -0.91 10.65
C TYR B 47 25.67 0.33 10.29
N ARG B 48 25.75 0.71 9.01
CA ARG B 48 24.81 1.65 8.40
C ARG B 48 23.89 0.76 7.58
N VAL B 49 22.66 0.58 8.05
CA VAL B 49 21.71 -0.37 7.49
C VAL B 49 20.71 0.28 6.51
N VAL B 50 20.64 -0.25 5.29
CA VAL B 50 19.70 0.20 4.28
C VAL B 50 18.61 -0.83 4.15
N LEU B 51 17.35 -0.44 4.30
CA LEU B 51 16.19 -1.31 4.12
C LEU B 51 15.30 -0.69 3.01
N TYR B 52 14.67 -1.58 2.27
CA TYR B 52 13.59 -1.11 1.29
C TYR B 52 12.58 -2.18 1.16
N ASP B 53 11.48 -1.81 0.52
CA ASP B 53 10.39 -2.74 0.17
C ASP B 53 10.45 -3.00 -1.36
N LEU B 54 10.45 -4.26 -1.73
CA LEU B 54 10.24 -4.65 -3.14
C LEU B 54 8.91 -4.07 -3.59
N VAL B 55 8.79 -3.76 -4.87
CA VAL B 55 7.61 -3.16 -5.41
C VAL B 55 6.34 -4.01 -5.17
N CYS B 56 6.50 -5.35 -5.01
CA CYS B 56 5.35 -6.25 -4.77
C CYS B 56 4.91 -6.31 -3.30
N ALA B 57 5.69 -5.73 -2.40
CA ALA B 57 5.33 -5.77 -0.96
C ALA B 57 3.97 -5.17 -0.73
N GLY B 58 3.25 -5.79 0.22
CA GLY B 58 1.95 -5.26 0.70
C GLY B 58 1.96 -3.86 1.25
N SER B 59 3.13 -3.37 1.64
CA SER B 59 3.28 -2.06 2.21
C SER B 59 3.42 -0.94 1.17
N VAL B 60 3.65 -1.33 -0.10
CA VAL B 60 3.86 -0.39 -1.22
C VAL B 60 2.57 -0.14 -1.93
N ASN B 61 2.36 1.08 -2.42
CA ASN B 61 1.18 1.39 -3.18
C ASN B 61 1.13 0.43 -4.37
N PRO B 62 0.04 -0.33 -4.51
CA PRO B 62 0.03 -1.33 -5.59
C PRO B 62 -0.04 -0.69 -6.97
N ASP B 63 -0.31 0.60 -7.09
CA ASP B 63 -0.21 1.31 -8.37
C ASP B 63 1.17 1.19 -8.94
N PHE B 64 2.19 1.04 -8.10
CA PHE B 64 3.57 1.04 -8.62
C PHE B 64 3.86 -0.31 -9.21
N PHE B 65 3.03 -1.29 -8.99
CA PHE B 65 3.28 -2.63 -9.53
C PHE B 65 2.74 -2.71 -10.96
N ASP B 66 3.63 -2.42 -11.91
CA ASP B 66 3.26 -2.37 -13.32
C ASP B 66 3.50 -3.79 -13.91
N PHE B 67 2.40 -4.48 -14.24
CA PHE B 67 2.43 -5.82 -14.80
C PHE B 67 3.14 -5.88 -16.15
N ARG B 68 3.22 -4.77 -16.84
CA ARG B 68 3.89 -4.70 -18.12
C ARG B 68 5.39 -4.60 -17.98
N ARG B 69 5.85 -4.17 -16.82
CA ARG B 69 7.28 -3.98 -16.58
C ARG B 69 7.89 -5.13 -15.80
N TYR B 70 7.26 -5.53 -14.71
CA TYR B 70 7.87 -6.48 -13.75
C TYR B 70 7.63 -7.89 -14.17
N THR B 71 8.14 -8.30 -15.33
CA THR B 71 7.84 -9.60 -15.92
C THR B 71 8.94 -10.62 -15.72
N THR B 72 10.12 -10.14 -15.30
CA THR B 72 11.27 -10.95 -14.89
C THR B 72 11.97 -10.31 -13.70
N LEU B 73 13.08 -10.90 -13.25
CA LEU B 73 13.79 -10.33 -12.12
C LEU B 73 14.53 -9.06 -12.52
N ASP B 74 14.81 -8.84 -13.79
CA ASP B 74 15.65 -7.69 -14.20
C ASP B 74 15.15 -6.32 -13.75
N PRO B 75 13.83 -6.02 -13.92
CA PRO B 75 13.37 -4.69 -13.39
C PRO B 75 13.47 -4.54 -11.86
N TYR B 76 13.39 -5.65 -11.11
CA TYR B 76 13.61 -5.58 -9.64
C TYR B 76 15.06 -5.21 -9.36
N VAL B 77 15.98 -5.79 -10.17
CA VAL B 77 17.40 -5.37 -10.09
C VAL B 77 17.59 -3.88 -10.35
N ASP B 78 16.89 -3.35 -11.37
CA ASP B 78 17.00 -1.93 -11.71
C ASP B 78 16.63 -1.08 -10.50
N ASP B 79 15.62 -1.50 -9.83
CA ASP B 79 15.11 -0.73 -8.64
C ASP B 79 16.17 -0.72 -7.48
N LEU B 80 16.73 -1.88 -7.22
CA LEU B 80 17.76 -2.01 -6.20
C LEU B 80 18.94 -1.11 -6.55
N LEU B 81 19.44 -1.21 -7.79
CA LEU B 81 20.61 -0.39 -8.19
C LEU B 81 20.29 1.11 -8.15
N HIS B 82 19.08 1.45 -8.58
CA HIS B 82 18.63 2.86 -8.55
C HIS B 82 18.64 3.40 -7.12
N ILE B 83 18.22 2.57 -6.18
CA ILE B 83 18.22 2.99 -4.74
C ILE B 83 19.63 3.21 -4.23
N LEU B 84 20.51 2.24 -4.50
CA LEU B 84 21.91 2.32 -3.99
C LEU B 84 22.62 3.52 -4.64
N ASP B 85 22.35 3.74 -5.92
CA ASP B 85 22.90 4.90 -6.62
C ASP B 85 22.39 6.24 -6.05
N ALA B 86 21.09 6.30 -5.79
CA ALA B 86 20.45 7.50 -5.24
C ALA B 86 20.96 7.84 -3.85
N LEU B 87 21.35 6.82 -3.12
CA LEU B 87 21.95 6.97 -1.76
C LEU B 87 23.45 7.23 -1.75
N GLY B 88 24.09 7.15 -2.90
CA GLY B 88 25.53 7.40 -3.01
C GLY B 88 26.40 6.27 -2.45
N ILE B 89 25.88 5.04 -2.48
CA ILE B 89 26.57 3.87 -1.94
C ILE B 89 27.38 3.24 -3.06
N ASP B 90 28.67 3.24 -2.92
CA ASP B 90 29.52 2.58 -3.94
C ASP B 90 30.01 1.18 -3.50
N GLN B 91 29.91 0.84 -2.20
CA GLN B 91 30.13 -0.55 -1.77
C GLN B 91 29.34 -0.95 -0.56
N CYS B 92 28.84 -2.17 -0.54
CA CYS B 92 28.09 -2.68 0.60
C CYS B 92 28.14 -4.19 0.71
N ALA B 93 27.73 -4.73 1.84
CA ALA B 93 27.36 -6.12 2.06
C ALA B 93 25.86 -6.23 1.89
N TYR B 94 25.38 -7.31 1.33
CA TYR B 94 23.97 -7.41 0.92
C TYR B 94 23.46 -8.72 1.42
N VAL B 95 22.32 -8.66 2.12
CA VAL B 95 21.62 -9.85 2.55
C VAL B 95 20.28 -9.93 1.85
N GLY B 96 19.99 -11.03 1.18
CA GLY B 96 18.79 -11.22 0.44
C GLY B 96 18.08 -12.48 0.80
N HIS B 97 16.83 -12.35 1.24
CA HIS B 97 15.99 -13.53 1.49
C HIS B 97 15.15 -13.89 0.27
N SER B 98 14.98 -15.19 0.01
CA SER B 98 14.05 -15.67 -0.97
C SER B 98 14.44 -14.99 -2.31
N VAL B 99 13.47 -14.44 -3.03
CA VAL B 99 13.74 -13.84 -4.34
C VAL B 99 14.82 -12.76 -4.31
N SER B 100 14.99 -12.05 -3.18
CA SER B 100 16.03 -11.08 -3.09
C SER B 100 17.44 -11.64 -3.12
N ALA B 101 17.59 -12.94 -2.85
CA ALA B 101 18.89 -13.57 -3.10
C ALA B 101 19.26 -13.54 -4.58
N MET B 102 18.30 -13.89 -5.44
CA MET B 102 18.52 -13.87 -6.87
C MET B 102 18.67 -12.46 -7.45
N ILE B 103 17.92 -11.50 -6.91
CA ILE B 103 18.05 -10.10 -7.33
C ILE B 103 19.47 -9.62 -7.02
N GLY B 104 19.99 -10.03 -5.85
CA GLY B 104 21.31 -9.59 -5.45
C GLY B 104 22.38 -10.20 -6.36
N ILE B 105 22.22 -11.47 -6.65
CA ILE B 105 23.13 -12.21 -7.60
C ILE B 105 23.16 -11.43 -8.94
N LEU B 106 22.01 -11.14 -9.50
CA LEU B 106 21.98 -10.39 -10.77
C LEU B 106 22.58 -9.00 -10.69
N ALA B 107 22.33 -8.30 -9.59
CA ALA B 107 22.88 -6.98 -9.36
C ALA B 107 24.40 -7.01 -9.31
N SER B 108 24.91 -8.07 -8.68
N SER B 108 24.95 -8.03 -8.64
CA SER B 108 26.36 -8.24 -8.55
CA SER B 108 26.41 -8.18 -8.57
C SER B 108 27.02 -8.50 -9.90
C SER B 108 27.01 -8.41 -9.95
N ILE B 109 26.32 -9.17 -10.80
CA ILE B 109 26.87 -9.40 -12.19
C ILE B 109 26.90 -8.09 -12.97
N ARG B 110 25.87 -7.27 -12.79
CA ARG B 110 25.82 -5.91 -13.38
C ARG B 110 26.84 -4.92 -12.80
N ARG B 111 27.04 -5.03 -11.49
CA ARG B 111 27.95 -4.14 -10.76
C ARG B 111 28.84 -4.91 -9.82
N PRO B 112 29.88 -5.55 -10.36
CA PRO B 112 30.76 -6.43 -9.56
C PRO B 112 31.46 -5.76 -8.39
N GLU B 113 31.63 -4.45 -8.49
N GLU B 113 31.71 -4.46 -8.46
CA GLU B 113 32.33 -3.62 -7.51
CA GLU B 113 32.41 -3.78 -7.34
C GLU B 113 31.46 -3.16 -6.32
C GLU B 113 31.47 -3.23 -6.26
N LEU B 114 30.17 -3.31 -6.45
CA LEU B 114 29.22 -2.74 -5.50
C LEU B 114 29.05 -3.58 -4.25
N PHE B 115 29.17 -4.89 -4.37
CA PHE B 115 28.96 -5.82 -3.29
C PHE B 115 30.26 -6.48 -2.79
N SER B 116 30.58 -6.30 -1.53
CA SER B 116 31.78 -6.96 -0.95
C SER B 116 31.48 -8.45 -0.68
N LYS B 117 30.21 -8.73 -0.40
CA LYS B 117 29.79 -10.06 0.00
C LYS B 117 28.30 -10.14 -0.20
N LEU B 118 27.78 -11.31 -0.57
CA LEU B 118 26.36 -11.53 -0.59
C LEU B 118 26.04 -12.60 0.43
N ILE B 119 25.04 -12.37 1.25
CA ILE B 119 24.48 -13.41 2.09
C ILE B 119 23.08 -13.78 1.59
N LEU B 120 22.89 -15.05 1.27
CA LEU B 120 21.70 -15.61 0.62
C LEU B 120 20.96 -16.42 1.65
N ILE B 121 19.67 -16.10 1.87
CA ILE B 121 18.89 -16.86 2.85
C ILE B 121 17.68 -17.44 2.14
N GLY B 122 17.44 -18.73 2.29
CA GLY B 122 16.27 -19.33 1.59
C GLY B 122 16.31 -19.16 0.08
N ALA B 123 17.52 -19.27 -0.47
CA ALA B 123 17.71 -19.02 -1.93
C ALA B 123 17.60 -20.28 -2.80
N SER B 124 17.05 -20.09 -4.00
CA SER B 124 17.02 -21.09 -5.05
C SER B 124 17.11 -20.42 -6.42
N PRO B 125 17.88 -21.01 -7.36
CA PRO B 125 17.97 -20.47 -8.68
C PRO B 125 16.83 -20.98 -9.55
N ARG B 126 16.08 -21.98 -9.08
CA ARG B 126 15.11 -22.66 -9.92
C ARG B 126 14.29 -23.58 -9.05
N PHE B 127 12.99 -23.30 -8.95
CA PHE B 127 12.10 -24.16 -8.17
C PHE B 127 11.69 -25.44 -8.89
N LEU B 128 11.54 -25.40 -10.23
CA LEU B 128 11.06 -26.56 -10.97
C LEU B 128 12.07 -27.67 -11.22
N ASN B 129 11.56 -28.91 -11.18
CA ASN B 129 12.33 -30.09 -11.47
C ASN B 129 12.42 -30.32 -12.97
N ASP B 130 13.50 -30.99 -13.35
CA ASP B 130 13.64 -31.52 -14.68
C ASP B 130 14.53 -32.77 -14.58
N GLU B 131 14.78 -33.42 -15.70
CA GLU B 131 15.54 -34.65 -15.73
C GLU B 131 16.92 -34.53 -15.08
N ASP B 132 17.52 -33.34 -15.09
CA ASP B 132 18.90 -33.12 -14.62
C ASP B 132 19.02 -32.27 -13.37
N TYR B 133 17.89 -31.93 -12.75
CA TYR B 133 17.94 -30.98 -11.60
C TYR B 133 16.69 -31.09 -10.76
N HIS B 134 16.86 -31.19 -9.45
CA HIS B 134 15.77 -31.22 -8.49
C HIS B 134 15.64 -29.88 -7.80
N GLY B 135 14.55 -29.18 -8.12
CA GLY B 135 14.22 -27.90 -7.47
C GLY B 135 13.24 -28.01 -6.32
N GLY B 136 12.47 -29.10 -6.32
CA GLY B 136 11.47 -29.32 -5.28
C GLY B 136 10.05 -29.33 -5.76
N PHE B 137 9.78 -28.83 -6.96
CA PHE B 137 8.41 -28.70 -7.46
C PHE B 137 8.25 -29.24 -8.86
N GLU B 138 7.06 -29.81 -9.14
CA GLU B 138 6.67 -30.29 -10.44
C GLU B 138 5.75 -29.27 -11.08
N GLN B 139 5.94 -29.04 -12.38
CA GLN B 139 5.06 -28.11 -13.14
C GLN B 139 3.54 -28.31 -12.86
N GLY B 140 3.10 -29.57 -12.87
CA GLY B 140 1.71 -29.96 -12.55
C GLY B 140 1.19 -29.58 -11.18
N GLU B 141 1.94 -29.94 -10.16
CA GLU B 141 1.54 -29.62 -8.79
C GLU B 141 1.44 -28.08 -8.60
N ILE B 142 2.33 -27.35 -9.26
CA ILE B 142 2.38 -25.92 -9.18
C ILE B 142 1.20 -25.25 -9.88
N GLU B 143 0.72 -25.77 -11.00
CA GLU B 143 -0.55 -25.20 -11.54
C GLU B 143 -1.72 -25.38 -10.60
N LYS B 144 -1.77 -26.51 -9.89
CA LYS B 144 -2.80 -26.71 -8.87
C LYS B 144 -2.72 -25.66 -7.80
N VAL B 145 -1.51 -25.28 -7.41
CA VAL B 145 -1.38 -24.23 -6.42
C VAL B 145 -1.82 -22.88 -6.95
N PHE B 146 -1.44 -22.57 -8.18
CA PHE B 146 -1.85 -21.28 -8.79
C PHE B 146 -3.37 -21.20 -8.94
N SER B 147 -4.04 -22.32 -9.19
CA SER B 147 -5.49 -22.34 -9.26
C SER B 147 -6.12 -22.06 -7.91
N ALA B 148 -5.56 -22.66 -6.84
CA ALA B 148 -6.00 -22.39 -5.47
C ALA B 148 -5.77 -20.92 -5.09
N MET B 149 -4.62 -20.36 -5.47
N MET B 149 -4.61 -20.34 -5.47
CA MET B 149 -4.32 -18.98 -5.14
CA MET B 149 -4.29 -18.94 -5.18
C MET B 149 -5.33 -18.03 -5.79
C MET B 149 -5.37 -18.07 -5.79
N GLU B 150 -5.66 -18.32 -7.06
CA GLU B 150 -6.68 -17.56 -7.82
C GLU B 150 -8.11 -17.83 -7.25
N ALA B 151 -8.42 -19.09 -6.96
CA ALA B 151 -9.72 -19.46 -6.50
C ALA B 151 -10.11 -18.94 -5.12
N ASN B 152 -9.16 -18.97 -4.18
CA ASN B 152 -9.44 -18.64 -2.79
C ASN B 152 -8.14 -18.26 -2.14
N TYR B 153 -7.81 -16.97 -2.27
CA TYR B 153 -6.54 -16.47 -1.80
C TYR B 153 -6.34 -16.71 -0.29
N GLU B 154 -7.35 -16.36 0.53
CA GLU B 154 -7.28 -16.51 1.97
C GLU B 154 -7.03 -17.96 2.39
N ALA B 155 -7.70 -18.91 1.76
CA ALA B 155 -7.45 -20.33 2.04
C ALA B 155 -6.06 -20.75 1.67
N TRP B 156 -5.58 -20.27 0.54
CA TRP B 156 -4.22 -20.53 0.13
C TRP B 156 -3.22 -20.03 1.20
N VAL B 157 -3.38 -18.79 1.61
CA VAL B 157 -2.44 -18.21 2.59
C VAL B 157 -2.48 -19.10 3.85
N ASN B 158 -3.67 -19.49 4.30
CA ASN B 158 -3.80 -20.26 5.55
C ASN B 158 -3.15 -21.63 5.48
N GLY B 159 -3.16 -22.25 4.30
CA GLY B 159 -2.47 -23.50 4.08
C GLY B 159 -0.99 -23.33 3.82
N PHE B 160 -0.56 -22.23 3.25
CA PHE B 160 0.79 -22.04 2.82
C PHE B 160 1.70 -21.53 3.94
N ALA B 161 1.20 -20.59 4.72
CA ALA B 161 2.05 -19.97 5.75
C ALA B 161 2.66 -20.98 6.76
N PRO B 162 1.88 -21.96 7.22
CA PRO B 162 2.51 -22.95 8.15
C PRO B 162 3.62 -23.74 7.46
N LEU B 163 3.45 -24.05 6.18
CA LEU B 163 4.47 -24.83 5.41
C LEU B 163 5.71 -24.00 5.24
N ALA B 164 5.55 -22.74 4.90
CA ALA B 164 6.68 -21.83 4.70
C ALA B 164 7.44 -21.61 6.00
N VAL B 165 6.71 -21.33 7.08
CA VAL B 165 7.39 -21.13 8.39
C VAL B 165 7.99 -22.45 8.85
N GLY B 166 7.30 -23.55 8.66
CA GLY B 166 7.87 -24.92 8.80
C GLY B 166 7.88 -25.45 10.22
N ALA B 167 8.70 -24.81 11.05
CA ALA B 167 8.65 -25.03 12.50
C ALA B 167 7.32 -24.58 13.08
N ASP B 168 6.93 -25.24 14.19
CA ASP B 168 5.76 -24.88 14.95
C ASP B 168 6.01 -23.61 15.80
N VAL B 169 5.86 -22.46 15.12
CA VAL B 169 6.08 -21.13 15.68
C VAL B 169 4.86 -20.31 15.24
N PRO B 170 3.73 -20.45 15.97
CA PRO B 170 2.47 -19.78 15.60
C PRO B 170 2.56 -18.28 15.38
N ALA B 171 3.38 -17.59 16.18
CA ALA B 171 3.55 -16.14 16.01
C ALA B 171 4.11 -15.83 14.63
N ALA B 172 5.11 -16.63 14.18
CA ALA B 172 5.67 -16.41 12.89
C ALA B 172 4.70 -16.80 11.77
N VAL B 173 3.88 -17.84 11.99
CA VAL B 173 2.83 -18.20 11.02
C VAL B 173 1.83 -17.04 10.87
N ARG B 174 1.41 -16.43 11.98
CA ARG B 174 0.49 -15.30 11.91
C ARG B 174 1.13 -14.09 11.29
N GLU B 175 2.39 -13.86 11.61
CA GLU B 175 3.07 -12.68 11.06
C GLU B 175 3.29 -12.80 9.53
N PHE B 176 3.71 -13.95 9.05
CA PHE B 176 3.87 -14.13 7.61
C PHE B 176 2.51 -14.08 6.90
N SER B 177 1.50 -14.67 7.51
CA SER B 177 0.12 -14.58 6.97
C SER B 177 -0.30 -13.08 6.89
N ARG B 178 0.01 -12.29 7.92
CA ARG B 178 -0.37 -10.87 7.94
C ARG B 178 0.15 -10.14 6.71
N THR B 179 1.45 -10.34 6.38
CA THR B 179 2.02 -9.65 5.24
C THR B 179 1.58 -10.24 3.91
N LEU B 180 1.27 -11.54 3.83
CA LEU B 180 0.68 -12.13 2.63
C LEU B 180 -0.71 -11.58 2.41
N PHE B 181 -1.48 -11.36 3.48
CA PHE B 181 -2.83 -10.80 3.36
C PHE B 181 -2.82 -9.32 2.98
N ASN B 182 -1.70 -8.63 3.19
CA ASN B 182 -1.53 -7.26 2.78
C ASN B 182 -1.20 -7.14 1.27
N MET B 183 -0.73 -8.18 0.65
CA MET B 183 -0.42 -8.16 -0.80
C MET B 183 -1.68 -8.30 -1.62
N ARG B 184 -1.84 -7.51 -2.70
CA ARG B 184 -2.99 -7.66 -3.52
C ARG B 184 -2.95 -9.05 -4.20
N PRO B 185 -4.02 -9.83 -4.16
CA PRO B 185 -3.92 -11.24 -4.59
C PRO B 185 -3.40 -11.49 -5.99
N ASP B 186 -3.79 -10.66 -6.93
CA ASP B 186 -3.27 -10.82 -8.29
C ASP B 186 -1.78 -10.49 -8.38
N ILE B 187 -1.26 -9.64 -7.52
CA ILE B 187 0.19 -9.35 -7.44
C ILE B 187 0.90 -10.57 -6.91
N THR B 188 0.38 -11.15 -5.83
CA THR B 188 1.00 -12.33 -5.27
C THR B 188 1.11 -13.44 -6.31
N LEU B 189 0.02 -13.71 -6.98
CA LEU B 189 0.00 -14.77 -8.06
C LEU B 189 0.96 -14.43 -9.17
N PHE B 190 0.97 -13.20 -9.63
CA PHE B 190 1.83 -12.81 -10.74
C PHE B 190 3.33 -12.94 -10.39
N VAL B 191 3.68 -12.56 -9.18
CA VAL B 191 5.05 -12.62 -8.70
C VAL B 191 5.44 -14.11 -8.54
N SER B 192 4.51 -14.92 -8.05
CA SER B 192 4.80 -16.37 -7.91
C SER B 192 5.02 -16.98 -9.29
N ARG B 193 4.18 -16.63 -10.26
CA ARG B 193 4.41 -17.13 -11.63
C ARG B 193 5.78 -16.64 -12.15
N THR B 194 6.07 -15.36 -11.98
CA THR B 194 7.32 -14.76 -12.41
C THR B 194 8.50 -15.63 -11.95
N VAL B 195 8.50 -15.97 -10.69
CA VAL B 195 9.65 -16.66 -10.08
C VAL B 195 9.65 -18.13 -10.41
N PHE B 196 8.52 -18.82 -10.42
CA PHE B 196 8.51 -20.19 -10.93
C PHE B 196 8.94 -20.32 -12.39
N ASN B 197 8.68 -19.29 -13.15
CA ASN B 197 9.14 -19.25 -14.55
C ASN B 197 10.62 -18.92 -14.68
N SER B 198 11.25 -18.38 -13.65
N SER B 198 11.20 -18.29 -13.66
CA SER B 198 12.60 -17.89 -13.83
CA SER B 198 12.60 -17.85 -13.69
C SER B 198 13.65 -18.97 -13.49
C SER B 198 13.57 -19.03 -13.62
N ASP B 199 14.79 -18.79 -14.13
CA ASP B 199 15.87 -19.80 -14.07
C ASP B 199 17.16 -19.01 -14.04
N MET B 200 17.83 -19.05 -12.90
CA MET B 200 19.11 -18.37 -12.69
C MET B 200 20.28 -19.32 -12.76
N ARG B 201 20.05 -20.57 -13.12
CA ARG B 201 21.17 -21.55 -13.12
C ARG B 201 22.25 -21.15 -14.08
N GLY B 202 21.91 -20.57 -15.23
CA GLY B 202 22.90 -20.24 -16.23
C GLY B 202 23.83 -19.09 -15.92
N VAL B 203 23.43 -18.23 -14.95
CA VAL B 203 24.25 -17.05 -14.62
C VAL B 203 25.07 -17.18 -13.35
N LEU B 204 24.88 -18.24 -12.57
CA LEU B 204 25.54 -18.34 -11.28
C LEU B 204 27.04 -18.29 -11.37
N GLY B 205 27.61 -18.90 -12.43
CA GLY B 205 29.05 -18.87 -12.63
C GLY B 205 29.66 -17.52 -12.95
N LEU B 206 28.79 -16.56 -13.34
CA LEU B 206 29.23 -15.19 -13.59
C LEU B 206 29.47 -14.35 -12.35
N VAL B 207 28.99 -14.80 -11.20
CA VAL B 207 29.17 -14.11 -9.93
C VAL B 207 30.61 -14.28 -9.49
N LYS B 208 31.28 -13.21 -9.06
N LYS B 208 31.24 -13.19 -9.07
CA LYS B 208 32.65 -13.33 -8.55
CA LYS B 208 32.63 -13.17 -8.63
C LYS B 208 32.86 -12.89 -7.11
C LYS B 208 32.84 -12.91 -7.15
N VAL B 209 31.84 -12.30 -6.49
CA VAL B 209 31.96 -11.94 -5.10
C VAL B 209 31.71 -13.17 -4.22
N PRO B 210 32.19 -13.13 -2.96
CA PRO B 210 31.95 -14.29 -2.11
C PRO B 210 30.48 -14.33 -1.69
N CYS B 211 29.93 -15.53 -1.61
CA CYS B 211 28.55 -15.77 -1.19
C CYS B 211 28.51 -16.73 0.00
N HIS B 212 27.72 -16.35 1.01
CA HIS B 212 27.41 -17.18 2.13
C HIS B 212 26.00 -17.66 1.89
N ILE B 213 25.77 -18.96 1.87
CA ILE B 213 24.53 -19.59 1.56
C ILE B 213 23.92 -20.12 2.84
N PHE B 214 22.93 -19.41 3.36
CA PHE B 214 22.29 -19.79 4.64
C PHE B 214 21.18 -20.73 4.29
N GLN B 215 21.28 -21.95 4.74
CA GLN B 215 20.29 -22.99 4.43
C GLN B 215 19.72 -23.55 5.74
N THR B 216 18.42 -23.47 5.88
CA THR B 216 17.73 -24.04 7.06
C THR B 216 17.40 -25.49 6.81
N ALA B 217 16.94 -26.15 7.84
CA ALA B 217 16.37 -27.48 7.75
C ALA B 217 14.95 -27.43 7.25
N ARG B 218 14.58 -28.46 6.52
CA ARG B 218 13.19 -28.66 6.08
C ARG B 218 12.59 -27.34 5.53
N ASP B 219 13.33 -26.71 4.61
CA ASP B 219 12.86 -25.52 3.94
C ASP B 219 11.91 -25.97 2.79
N HIS B 220 10.62 -25.60 2.94
CA HIS B 220 9.58 -25.97 1.98
C HIS B 220 9.92 -25.56 0.54
N SER B 221 10.59 -24.42 0.38
CA SER B 221 10.92 -23.87 -0.91
C SER B 221 12.27 -24.33 -1.46
N VAL B 222 13.15 -24.92 -0.62
CA VAL B 222 14.56 -25.12 -0.99
C VAL B 222 15.04 -26.43 -0.44
N PRO B 223 15.06 -27.47 -1.27
CA PRO B 223 15.70 -28.73 -0.89
C PRO B 223 17.15 -28.49 -0.50
N ALA B 224 17.68 -29.31 0.43
CA ALA B 224 19.06 -29.19 0.82
C ALA B 224 20.01 -29.22 -0.38
N SER B 225 19.72 -30.07 -1.35
CA SER B 225 20.57 -30.19 -2.55
C SER B 225 20.66 -28.89 -3.38
N VAL B 226 19.69 -28.00 -3.25
CA VAL B 226 19.74 -26.70 -3.95
C VAL B 226 20.79 -25.75 -3.32
N ALA B 227 20.90 -25.75 -2.00
CA ALA B 227 22.02 -25.01 -1.34
C ALA B 227 23.36 -25.52 -1.85
N THR B 228 23.49 -26.83 -1.95
CA THR B 228 24.69 -27.40 -2.48
C THR B 228 24.94 -27.05 -3.95
N TYR B 229 23.89 -27.00 -4.72
CA TYR B 229 23.97 -26.52 -6.11
C TYR B 229 24.52 -25.11 -6.21
N LEU B 230 23.99 -24.20 -5.35
CA LEU B 230 24.51 -22.86 -5.29
C LEU B 230 26.01 -22.81 -4.96
N LYS B 231 26.41 -23.63 -3.99
CA LYS B 231 27.80 -23.65 -3.57
C LYS B 231 28.70 -24.13 -4.72
N ASN B 232 28.21 -25.11 -5.45
CA ASN B 232 28.99 -25.66 -6.57
C ASN B 232 29.06 -24.72 -7.77
N HIS B 233 28.03 -23.90 -7.97
CA HIS B 233 27.91 -23.15 -9.23
C HIS B 233 28.13 -21.65 -9.14
N LEU B 234 27.87 -21.00 -8.02
CA LEU B 234 28.26 -19.59 -7.88
C LEU B 234 29.77 -19.42 -8.12
N GLY B 235 30.15 -18.44 -8.91
CA GLY B 235 31.53 -18.35 -9.42
C GLY B 235 32.61 -17.91 -8.46
N GLY B 236 32.19 -17.31 -7.33
CA GLY B 236 33.20 -16.85 -6.33
C GLY B 236 33.42 -17.83 -5.17
N LYS B 237 34.01 -17.36 -4.09
CA LYS B 237 34.21 -18.20 -2.92
C LYS B 237 32.95 -18.37 -2.13
N ASN B 238 32.45 -19.59 -2.03
CA ASN B 238 31.17 -19.90 -1.41
C ASN B 238 31.30 -20.69 -0.09
N THR B 239 30.39 -20.38 0.85
CA THR B 239 30.38 -20.99 2.19
C THR B 239 28.95 -21.30 2.52
N VAL B 240 28.61 -22.57 2.74
CA VAL B 240 27.28 -22.96 3.18
C VAL B 240 27.23 -22.99 4.70
N HIS B 241 26.19 -22.32 5.24
CA HIS B 241 25.86 -22.30 6.66
C HIS B 241 24.60 -23.13 6.84
N TRP B 242 24.74 -24.33 7.41
CA TRP B 242 23.62 -25.23 7.62
C TRP B 242 23.02 -24.82 9.01
N LEU B 243 22.07 -23.91 9.01
CA LEU B 243 21.52 -23.29 10.22
C LEU B 243 20.80 -24.27 11.09
N ASN B 244 20.97 -24.14 12.41
CA ASN B 244 20.18 -24.91 13.34
C ASN B 244 18.82 -24.21 13.55
N ILE B 245 18.09 -24.10 12.45
CA ILE B 245 16.78 -23.40 12.37
C ILE B 245 15.97 -24.16 11.34
N GLU B 246 14.70 -24.45 11.63
CA GLU B 246 13.79 -25.10 10.69
C GLU B 246 12.92 -24.05 9.95
N GLY B 247 12.81 -24.21 8.65
CA GLY B 247 11.82 -23.44 7.87
C GLY B 247 12.39 -22.34 7.03
N HIS B 248 11.55 -21.76 6.15
CA HIS B 248 12.01 -20.87 5.12
C HIS B 248 12.15 -19.44 5.53
N LEU B 249 11.63 -19.09 6.71
CA LEU B 249 11.69 -17.71 7.18
C LEU B 249 12.38 -17.58 8.54
N PRO B 250 13.67 -17.90 8.60
CA PRO B 250 14.38 -17.90 9.88
C PRO B 250 14.47 -16.53 10.58
N HIS B 251 14.44 -15.43 9.82
CA HIS B 251 14.41 -14.09 10.39
C HIS B 251 13.11 -13.81 11.11
N LEU B 252 12.00 -14.49 10.71
CA LEU B 252 10.76 -14.44 11.46
C LEU B 252 10.68 -15.37 12.64
N SER B 253 11.17 -16.60 12.49
CA SER B 253 10.90 -17.65 13.46
C SER B 253 12.01 -17.83 14.48
N ALA B 254 13.24 -17.45 14.13
CA ALA B 254 14.42 -17.58 14.98
C ALA B 254 15.37 -16.38 14.83
N PRO B 255 14.89 -15.18 15.06
CA PRO B 255 15.73 -14.03 14.84
C PRO B 255 17.01 -13.86 15.63
N THR B 256 17.04 -14.24 16.91
CA THR B 256 18.27 -14.11 17.69
C THR B 256 19.37 -14.98 17.09
N LEU B 257 19.03 -16.24 16.83
CA LEU B 257 20.04 -17.19 16.31
C LEU B 257 20.41 -16.73 14.88
N LEU B 258 19.42 -16.34 14.05
CA LEU B 258 19.75 -15.89 12.69
C LEU B 258 20.69 -14.67 12.71
N ALA B 259 20.41 -13.71 13.60
CA ALA B 259 21.22 -12.50 13.70
C ALA B 259 22.66 -12.82 14.07
N GLN B 260 22.82 -13.79 14.97
CA GLN B 260 24.21 -14.17 15.35
C GLN B 260 24.98 -14.81 14.22
N GLU B 261 24.30 -15.65 13.47
CA GLU B 261 24.91 -16.28 12.29
C GLU B 261 25.26 -15.24 11.22
N LEU B 262 24.35 -14.29 10.97
N LEU B 262 24.35 -14.29 11.00
CA LEU B 262 24.64 -13.19 10.05
CA LEU B 262 24.58 -13.22 10.05
C LEU B 262 25.86 -12.37 10.44
C LEU B 262 25.82 -12.35 10.44
N ARG B 263 25.95 -12.02 11.72
CA ARG B 263 27.11 -11.27 12.23
C ARG B 263 28.39 -12.03 11.98
N ARG B 264 28.38 -13.34 12.22
CA ARG B 264 29.55 -14.16 11.98
C ARG B 264 29.94 -14.12 10.53
N ALA B 265 28.95 -14.32 9.64
CA ALA B 265 29.25 -14.37 8.22
C ALA B 265 29.80 -13.02 7.72
N LEU B 266 29.24 -11.92 8.20
CA LEU B 266 29.72 -10.62 7.81
C LEU B 266 31.11 -10.31 8.29
N SER B 267 31.47 -10.85 9.43
CA SER B 267 32.74 -10.59 10.08
C SER B 267 33.84 -11.49 9.56
N HIS B 268 33.47 -12.56 8.82
CA HIS B 268 34.39 -13.50 8.20
C HIS B 268 35.37 -12.71 7.31
O1 BNY C . -19.28 8.13 0.09
C2 BNY C . -20.66 2.78 0.79
C4 BNY C . -18.99 4.15 2.91
C5 BNY C . -18.13 4.85 3.69
C6 BNY C . -17.80 6.15 3.46
C7 BNY C . -18.31 6.77 2.30
C11 BNY C . -20.39 0.42 1.32
C13 BNY C . -22.47 1.21 0.35
O3 BNY C . -24.38 1.50 -1.16
N1 BNY C . -23.75 0.84 -0.12
O2 BNY C . -24.42 -0.25 0.41
C1 BNY C . -21.98 2.53 0.34
C BNY C . -22.78 3.72 -0.18
C12 BNY C . -21.68 0.18 0.84
C10 BNY C . -19.91 1.74 1.30
N BNY C . -20.27 4.09 0.85
C3 BNY C . -19.49 4.74 1.73
C8 BNY C . -19.15 6.08 1.44
C9 BNY C . -19.66 6.88 0.25
O BNY C . -20.42 6.30 -0.52
O1 BNY D . 10.81 -17.84 -1.50
C2 BNY D . 5.98 -19.73 -3.43
C4 BNY D . 7.38 -17.48 -4.89
C5 BNY D . 8.04 -16.40 -5.43
C6 BNY D . 9.25 -15.97 -4.91
C7 BNY D . 9.75 -16.66 -3.78
C11 BNY D . 3.72 -19.60 -4.25
C13 BNY D . 4.61 -21.74 -3.57
O3 BNY D . 4.83 -23.83 -2.33
N1 BNY D . 4.40 -23.11 -3.43
O2 BNY D . 3.71 -23.82 -4.39
C1 BNY D . 5.81 -21.10 -3.26
C BNY D . 7.00 -21.90 -2.74
C12 BNY D . 3.57 -20.97 -4.08
C10 BNY D . 4.90 -18.97 -3.93
N BNY D . 7.20 -19.16 -3.18
C3 BNY D . 7.85 -18.16 -3.74
C8 BNY D . 9.09 -17.72 -3.21
C9 BNY D . 9.72 -18.39 -1.97
O BNY D . 9.17 -19.34 -1.48
C1 GOL E . 21.90 -31.64 -8.19
O1 GOL E . 21.72 -33.08 -7.98
C2 GOL E . 20.59 -30.85 -8.33
O2 GOL E . 19.51 -31.77 -8.41
C3 GOL E . 20.31 -29.77 -7.28
O3 GOL E . 19.16 -30.07 -6.49
#